data_8FCF
#
_entry.id   8FCF
#
_cell.length_a   33.771
_cell.length_b   88.999
_cell.length_c   180.881
_cell.angle_alpha   90.00
_cell.angle_beta   90.00
_cell.angle_gamma   90.00
#
_symmetry.space_group_name_H-M   'I 21 21 21'
#
loop_
_entity.id
_entity.type
_entity.pdbx_description
1 polymer 'Plasmalemma vesicle-associated protein'
2 water water
#
_entity_poly.entity_id   1
_entity_poly.type   'polypeptide(L)'
_entity_poly.pdbx_seq_one_letter_code
;GPGTSRQCQEQLKEVNKTCEALLFKLGEKVKTLEMEVAKEKAVCSKDKESLLAGKRQTEEQLEACGKARERQQQEQQVTE
ENLRKVQSLCIPLDQ
;
_entity_poly.pdbx_strand_id   C,D
#
# COMPACT_ATOMS: atom_id res chain seq x y z
N CYS A 8 -53.15 35.65 0.44
CA CYS A 8 -52.48 35.11 -0.74
C CYS A 8 -50.97 35.17 -0.58
N GLN A 9 -50.46 36.28 -0.01
CA GLN A 9 -49.02 36.48 0.25
C GLN A 9 -48.57 35.56 1.39
N GLU A 10 -49.35 35.49 2.50
CA GLU A 10 -49.01 34.62 3.64
C GLU A 10 -49.15 33.13 3.31
N GLN A 11 -50.07 32.76 2.38
CA GLN A 11 -50.26 31.34 2.03
C GLN A 11 -49.11 30.79 1.20
N LEU A 12 -48.72 31.50 0.14
CA LEU A 12 -47.61 31.09 -0.72
C LEU A 12 -46.26 31.12 0.02
N LYS A 13 -46.12 31.95 1.07
CA LYS A 13 -44.89 32.00 1.86
C LYS A 13 -44.82 30.79 2.79
N GLU A 14 -45.97 30.40 3.40
CA GLU A 14 -46.04 29.25 4.32
C GLU A 14 -45.77 27.92 3.58
N VAL A 15 -46.32 27.77 2.37
CA VAL A 15 -46.13 26.58 1.50
C VAL A 15 -44.64 26.43 1.17
N ASN A 16 -44.01 27.54 0.80
CA ASN A 16 -42.61 27.56 0.41
C ASN A 16 -41.65 27.36 1.58
N LYS A 17 -41.97 27.86 2.78
CA LYS A 17 -41.15 27.67 3.99
C LYS A 17 -40.96 26.16 4.27
N THR A 18 -42.04 25.40 4.09
CA THR A 18 -42.06 23.95 4.27
C THR A 18 -41.17 23.22 3.24
N CYS A 19 -41.28 23.59 1.95
CA CYS A 19 -40.47 22.98 0.88
C CYS A 19 -38.98 23.30 1.05
N GLU A 20 -38.67 24.57 1.35
CA GLU A 20 -37.27 25.00 1.55
C GLU A 20 -36.64 24.31 2.76
N ALA A 21 -37.38 24.18 3.87
CA ALA A 21 -36.90 23.52 5.09
C ALA A 21 -36.58 22.03 4.80
N LEU A 22 -37.39 21.32 3.98
CA LEU A 22 -37.04 19.94 3.59
C LEU A 22 -35.79 20.01 2.69
N LEU A 23 -35.73 20.99 1.76
CA LEU A 23 -34.59 21.16 0.86
C LEU A 23 -33.26 21.30 1.61
N PHE A 24 -33.26 22.04 2.73
CA PHE A 24 -32.04 22.24 3.53
C PHE A 24 -31.77 21.07 4.47
N LYS A 25 -32.79 20.36 4.94
CA LYS A 25 -32.58 19.15 5.73
C LYS A 25 -31.80 18.12 4.86
N LEU A 26 -32.20 17.95 3.58
CA LEU A 26 -31.55 17.02 2.64
C LEU A 26 -30.20 17.56 2.12
N GLY A 27 -30.11 18.87 1.98
CA GLY A 27 -28.89 19.60 1.65
C GLY A 27 -27.79 19.31 2.66
N GLU A 28 -28.15 19.13 3.95
CA GLU A 28 -27.15 18.79 4.95
C GLU A 28 -26.66 17.34 4.77
N LYS A 29 -27.51 16.42 4.28
CA LYS A 29 -27.07 15.04 4.03
C LYS A 29 -26.06 15.01 2.86
N VAL A 30 -26.30 15.83 1.82
CA VAL A 30 -25.39 15.91 0.69
C VAL A 30 -24.03 16.44 1.17
N LYS A 31 -24.00 17.48 2.00
CA LYS A 31 -22.74 18.04 2.54
C LYS A 31 -22.01 17.03 3.41
N THR A 32 -22.74 16.32 4.27
CA THR A 32 -22.15 15.28 5.12
C THR A 32 -21.51 14.19 4.25
N LEU A 33 -22.20 13.78 3.17
CA LEU A 33 -21.68 12.74 2.30
C LEU A 33 -20.50 13.24 1.47
N GLU A 34 -20.52 14.50 0.98
CA GLU A 34 -19.41 15.05 0.21
C GLU A 34 -18.14 15.16 1.04
N MET A 35 -18.23 15.47 2.35
CA MET A 35 -17.05 15.54 3.21
C MET A 35 -16.58 14.11 3.56
N GLU A 36 -17.52 13.17 3.78
CA GLU A 36 -17.12 11.79 4.06
C GLU A 36 -16.33 11.22 2.88
N VAL A 37 -16.78 11.47 1.63
CA VAL A 37 -16.08 11.03 0.42
C VAL A 37 -14.67 11.65 0.41
N ALA A 38 -14.59 12.99 0.57
CA ALA A 38 -13.32 13.71 0.55
C ALA A 38 -12.35 13.18 1.60
N LYS A 39 -12.82 12.95 2.84
CA LYS A 39 -11.97 12.42 3.90
C LYS A 39 -11.42 11.06 3.54
N GLU A 40 -12.31 10.09 3.21
CA GLU A 40 -11.90 8.72 2.88
C GLU A 40 -10.91 8.67 1.72
N LYS A 41 -11.12 9.48 0.66
CA LYS A 41 -10.21 9.48 -0.48
C LYS A 41 -8.84 9.96 -0.08
N ALA A 42 -8.76 10.96 0.83
CA ALA A 42 -7.47 11.49 1.29
C ALA A 42 -6.74 10.52 2.18
N VAL A 43 -7.47 9.82 3.08
CA VAL A 43 -6.83 8.84 3.98
C VAL A 43 -6.40 7.61 3.15
N CYS A 44 -7.24 7.15 2.22
CA CYS A 44 -6.95 5.99 1.38
C CYS A 44 -5.72 6.20 0.53
N SER A 45 -5.69 7.28 -0.22
CA SER A 45 -4.58 7.53 -1.13
C SER A 45 -3.26 7.75 -0.35
N LYS A 46 -3.31 8.39 0.82
CA LYS A 46 -2.13 8.58 1.67
C LYS A 46 -1.62 7.24 2.18
N ASP A 47 -2.53 6.36 2.61
CA ASP A 47 -2.17 5.04 3.12
C ASP A 47 -1.57 4.17 2.00
N LYS A 48 -2.13 4.24 0.76
CA LYS A 48 -1.62 3.46 -0.39
C LYS A 48 -0.25 3.94 -0.86
N GLU A 49 -0.01 5.26 -0.84
CA GLU A 49 1.29 5.81 -1.24
C GLU A 49 2.32 5.36 -0.22
N SER A 50 1.93 5.31 1.06
CA SER A 50 2.81 4.89 2.14
C SER A 50 3.18 3.42 1.98
N LEU A 51 2.19 2.54 1.70
CA LEU A 51 2.44 1.10 1.52
C LEU A 51 3.28 0.86 0.27
N LEU A 52 3.01 1.60 -0.83
CA LEU A 52 3.80 1.45 -2.07
C LEU A 52 5.27 1.82 -1.79
N ALA A 53 5.50 2.96 -1.12
CA ALA A 53 6.86 3.41 -0.79
C ALA A 53 7.58 2.41 0.11
N GLY A 54 6.83 1.79 1.02
CA GLY A 54 7.34 0.79 1.94
C GLY A 54 7.73 -0.48 1.24
N LYS A 55 6.90 -1.01 0.32
CA LYS A 55 7.29 -2.24 -0.39
C LYS A 55 8.44 -1.98 -1.38
N ARG A 56 8.53 -0.78 -1.98
CA ARG A 56 9.64 -0.44 -2.89
C ARG A 56 10.95 -0.37 -2.09
N GLN A 57 10.89 0.09 -0.83
CA GLN A 57 12.06 0.16 0.05
C GLN A 57 12.53 -1.26 0.42
N THR A 58 11.60 -2.20 0.69
CA THR A 58 11.94 -3.60 1.00
C THR A 58 12.52 -4.27 -0.25
N GLU A 59 11.96 -3.99 -1.44
CA GLU A 59 12.46 -4.55 -2.70
C GLU A 59 13.91 -4.12 -2.98
N GLU A 60 14.28 -2.87 -2.62
CA GLU A 60 15.66 -2.37 -2.78
C GLU A 60 16.60 -3.07 -1.77
N GLN A 61 16.11 -3.36 -0.56
CA GLN A 61 16.87 -4.08 0.47
C GLN A 61 17.07 -5.53 0.02
N LEU A 62 16.01 -6.16 -0.55
CA LEU A 62 16.09 -7.53 -1.06
C LEU A 62 17.10 -7.59 -2.22
N GLU A 63 17.09 -6.54 -3.10
CA GLU A 63 18.04 -6.44 -4.21
C GLU A 63 19.48 -6.36 -3.67
N ALA A 64 19.73 -5.49 -2.67
CA ALA A 64 21.06 -5.31 -2.07
C ALA A 64 21.54 -6.58 -1.35
N CYS A 65 20.62 -7.27 -0.66
CA CYS A 65 20.92 -8.55 0.01
C CYS A 65 21.33 -9.60 -1.05
N GLY A 66 20.54 -9.70 -2.13
CA GLY A 66 20.84 -10.61 -3.24
C GLY A 66 22.20 -10.40 -3.86
N LYS A 67 22.59 -9.12 -4.00
CA LYS A 67 23.87 -8.68 -4.55
C LYS A 67 25.03 -9.04 -3.60
N ALA A 68 24.80 -8.92 -2.27
CA ALA A 68 25.79 -9.30 -1.27
C ALA A 68 25.96 -10.81 -1.24
N ARG A 69 24.87 -11.57 -1.51
CA ARG A 69 24.99 -13.04 -1.63
C ARG A 69 25.79 -13.41 -2.89
N GLU A 70 25.63 -12.68 -4.02
CA GLU A 70 26.43 -12.96 -5.23
C GLU A 70 27.93 -12.77 -4.90
N ARG A 71 28.30 -11.65 -4.22
CA ARG A 71 29.68 -11.37 -3.83
C ARG A 71 30.28 -12.45 -2.94
N GLN A 72 29.52 -12.90 -1.91
CA GLN A 72 30.00 -13.97 -1.02
C GLN A 72 30.19 -15.27 -1.79
N GLN A 73 29.36 -15.53 -2.81
CA GLN A 73 29.50 -16.72 -3.64
C GLN A 73 30.74 -16.61 -4.52
N GLN A 74 31.10 -15.39 -5.00
CA GLN A 74 32.32 -15.20 -5.80
C GLN A 74 33.52 -15.52 -4.90
N GLU A 75 33.53 -14.97 -3.67
CA GLU A 75 34.59 -15.16 -2.68
C GLU A 75 34.74 -16.63 -2.32
N GLN A 76 33.63 -17.30 -2.06
CA GLN A 76 33.61 -18.74 -1.75
C GLN A 76 34.28 -19.55 -2.89
N GLN A 77 33.94 -19.26 -4.17
CA GLN A 77 34.53 -19.94 -5.34
C GLN A 77 36.03 -19.73 -5.42
N VAL A 78 36.51 -18.52 -5.09
CA VAL A 78 37.93 -18.20 -5.08
C VAL A 78 38.63 -19.05 -4.01
N THR A 79 38.06 -19.11 -2.79
CA THR A 79 38.67 -19.90 -1.72
C THR A 79 38.66 -21.40 -2.06
N GLU A 80 37.58 -21.88 -2.66
CA GLU A 80 37.50 -23.28 -3.04
C GLU A 80 38.51 -23.64 -4.14
N GLU A 81 38.76 -22.71 -5.07
CA GLU A 81 39.71 -22.97 -6.14
C GLU A 81 41.13 -23.03 -5.58
N ASN A 82 41.43 -22.19 -4.57
CA ASN A 82 42.72 -22.15 -3.91
C ASN A 82 43.00 -23.48 -3.20
N LEU A 83 41.96 -24.14 -2.63
CA LEU A 83 42.13 -25.47 -2.01
C LEU A 83 42.57 -26.44 -3.10
N ARG A 84 41.72 -26.65 -4.14
CA ARG A 84 42.01 -27.56 -5.26
C ARG A 84 43.45 -27.41 -5.78
N LYS A 85 43.89 -26.16 -5.98
CA LYS A 85 45.21 -25.87 -6.49
C LYS A 85 46.32 -26.15 -5.47
N VAL A 86 46.18 -25.73 -4.20
CA VAL A 86 47.25 -25.95 -3.24
C VAL A 86 47.35 -27.44 -2.82
N GLN A 87 46.21 -28.16 -2.76
CA GLN A 87 46.21 -29.60 -2.41
C GLN A 87 47.04 -30.45 -3.39
N SER A 88 47.14 -30.04 -4.67
CA SER A 88 47.97 -30.71 -5.67
C SER A 88 49.50 -30.55 -5.44
N LEU A 89 49.94 -29.62 -4.54
CA LEU A 89 51.35 -29.40 -4.20
C LEU A 89 51.77 -30.07 -2.86
N CYS A 90 50.80 -30.40 -2.00
CA CYS A 90 51.04 -30.98 -0.68
C CYS A 90 50.87 -32.49 -0.74
N LEU B 12 -44.57 33.34 -7.72
CA LEU B 12 -44.27 32.78 -6.40
C LEU B 12 -44.62 31.27 -6.35
N LYS B 13 -45.49 30.80 -7.30
CA LYS B 13 -45.69 29.37 -7.56
C LYS B 13 -44.37 28.92 -8.22
N GLU B 14 -43.76 29.84 -8.99
CA GLU B 14 -42.48 29.67 -9.70
C GLU B 14 -41.36 29.18 -8.76
N VAL B 15 -41.19 29.87 -7.60
CA VAL B 15 -40.14 29.51 -6.62
C VAL B 15 -40.44 28.11 -5.96
N ASN B 16 -41.73 27.76 -5.72
CA ASN B 16 -42.03 26.43 -5.16
C ASN B 16 -41.76 25.30 -6.20
N LYS B 17 -41.95 25.58 -7.50
CA LYS B 17 -41.66 24.61 -8.57
C LYS B 17 -40.17 24.32 -8.58
N THR B 18 -39.33 25.36 -8.48
CA THR B 18 -37.86 25.15 -8.47
C THR B 18 -37.41 24.37 -7.23
N CYS B 19 -38.07 24.58 -6.06
CA CYS B 19 -37.75 23.84 -4.85
C CYS B 19 -38.06 22.34 -5.03
N GLU B 20 -39.26 22.02 -5.51
CA GLU B 20 -39.70 20.63 -5.76
C GLU B 20 -38.84 19.93 -6.81
N ALA B 21 -38.45 20.61 -7.88
CA ALA B 21 -37.55 20.04 -8.89
C ALA B 21 -36.17 19.74 -8.26
N LEU B 22 -35.72 20.56 -7.31
CA LEU B 22 -34.43 20.35 -6.63
C LEU B 22 -34.52 19.19 -5.66
N LEU B 23 -35.70 18.93 -5.03
CA LEU B 23 -35.82 17.79 -4.10
C LEU B 23 -35.51 16.49 -4.83
N PHE B 24 -35.98 16.36 -6.06
CA PHE B 24 -35.71 15.20 -6.91
C PHE B 24 -34.22 15.13 -7.28
N LYS B 25 -33.60 16.28 -7.66
CA LYS B 25 -32.18 16.27 -8.03
C LYS B 25 -31.32 15.95 -6.83
N LEU B 26 -31.72 16.38 -5.63
CA LEU B 26 -30.94 16.03 -4.43
C LEU B 26 -31.12 14.55 -4.06
N GLY B 27 -32.28 13.94 -4.36
CA GLY B 27 -32.39 12.51 -4.07
C GLY B 27 -31.42 11.71 -4.90
N GLU B 28 -31.26 12.09 -6.18
CA GLU B 28 -30.32 11.45 -7.10
C GLU B 28 -28.89 11.66 -6.61
N LYS B 29 -28.55 12.85 -6.13
CA LYS B 29 -27.20 13.19 -5.67
C LYS B 29 -26.87 12.42 -4.39
N VAL B 30 -27.84 12.27 -3.47
CA VAL B 30 -27.63 11.52 -2.23
C VAL B 30 -27.35 10.08 -2.60
N LYS B 31 -28.14 9.51 -3.50
CA LYS B 31 -27.90 8.12 -3.86
C LYS B 31 -26.55 7.90 -4.53
N THR B 32 -26.14 8.82 -5.44
CA THR B 32 -24.82 8.75 -6.10
C THR B 32 -23.71 8.83 -5.07
N LEU B 33 -23.86 9.69 -4.05
CA LEU B 33 -22.84 9.83 -3.02
C LEU B 33 -22.80 8.62 -2.09
N GLU B 34 -23.97 8.05 -1.73
CA GLU B 34 -24.01 6.84 -0.87
C GLU B 34 -23.35 5.64 -1.55
N MET B 35 -23.52 5.54 -2.88
CA MET B 35 -22.93 4.49 -3.70
C MET B 35 -21.42 4.68 -3.81
N GLU B 36 -20.95 5.93 -4.00
CA GLU B 36 -19.53 6.29 -4.09
C GLU B 36 -18.81 5.97 -2.76
N VAL B 37 -19.44 6.31 -1.60
CA VAL B 37 -18.89 6.01 -0.29
C VAL B 37 -18.70 4.49 -0.15
N ALA B 38 -19.78 3.73 -0.42
CA ALA B 38 -19.74 2.27 -0.32
C ALA B 38 -18.68 1.65 -1.23
N LYS B 39 -18.65 2.08 -2.51
CA LYS B 39 -17.69 1.57 -3.48
C LYS B 39 -16.25 1.95 -3.11
N GLU B 40 -15.99 3.23 -2.76
CA GLU B 40 -14.63 3.65 -2.41
C GLU B 40 -14.08 2.89 -1.20
N LYS B 41 -14.92 2.69 -0.18
CA LYS B 41 -14.55 1.92 1.02
C LYS B 41 -14.15 0.47 0.67
N ALA B 42 -14.89 -0.16 -0.24
CA ALA B 42 -14.64 -1.54 -0.68
C ALA B 42 -13.38 -1.66 -1.56
N VAL B 43 -13.16 -0.69 -2.46
CA VAL B 43 -12.00 -0.69 -3.35
C VAL B 43 -10.73 -0.40 -2.52
N CYS B 44 -10.81 0.54 -1.55
CA CYS B 44 -9.69 0.91 -0.70
C CYS B 44 -9.20 -0.30 0.09
N SER B 45 -10.17 -0.99 0.73
CA SER B 45 -9.96 -2.18 1.54
C SER B 45 -9.24 -3.29 0.76
N LYS B 46 -9.72 -3.66 -0.46
CA LYS B 46 -9.04 -4.71 -1.24
C LYS B 46 -7.68 -4.24 -1.85
N ASP B 47 -7.50 -2.92 -2.13
CA ASP B 47 -6.20 -2.42 -2.63
C ASP B 47 -5.12 -2.48 -1.54
N LYS B 48 -5.44 -2.08 -0.30
CA LYS B 48 -4.47 -2.10 0.78
C LYS B 48 -4.19 -3.55 1.25
N GLU B 49 -5.15 -4.47 1.12
CA GLU B 49 -4.97 -5.89 1.43
C GLU B 49 -3.97 -6.50 0.41
N SER B 50 -4.06 -6.06 -0.86
CA SER B 50 -3.18 -6.48 -1.97
C SER B 50 -1.74 -5.95 -1.78
N LEU B 51 -1.61 -4.66 -1.40
CA LEU B 51 -0.30 -4.03 -1.13
C LEU B 51 0.34 -4.65 0.11
N LEU B 52 -0.44 -4.91 1.18
CA LEU B 52 0.07 -5.55 2.38
C LEU B 52 0.59 -6.98 2.08
N ALA B 53 -0.16 -7.76 1.30
CA ALA B 53 0.25 -9.12 0.91
C ALA B 53 1.53 -9.07 0.06
N GLY B 54 1.66 -8.04 -0.78
CA GLY B 54 2.84 -7.83 -1.59
C GLY B 54 4.06 -7.47 -0.75
N LYS B 55 3.85 -6.57 0.22
CA LYS B 55 4.87 -6.12 1.16
C LYS B 55 5.31 -7.26 2.05
N ARG B 56 4.35 -8.09 2.55
CA ARG B 56 4.71 -9.20 3.43
C ARG B 56 5.46 -10.32 2.68
N GLN B 57 5.20 -10.50 1.37
CA GLN B 57 5.91 -11.51 0.57
C GLN B 57 7.36 -11.04 0.34
N THR B 58 7.60 -9.72 0.17
CA THR B 58 8.97 -9.22 -0.01
C THR B 58 9.75 -9.28 1.31
N GLU B 59 9.10 -8.94 2.44
CA GLU B 59 9.73 -8.99 3.77
C GLU B 59 10.19 -10.41 4.13
N GLU B 60 9.40 -11.45 3.76
CA GLU B 60 9.80 -12.83 4.04
C GLU B 60 10.93 -13.28 3.09
N GLN B 61 10.98 -12.73 1.85
CA GLN B 61 12.08 -13.00 0.92
C GLN B 61 13.35 -12.33 1.45
N LEU B 62 13.23 -11.08 1.98
CA LEU B 62 14.35 -10.33 2.58
C LEU B 62 14.88 -11.13 3.79
N GLU B 63 13.96 -11.69 4.61
CA GLU B 63 14.31 -12.50 5.78
C GLU B 63 15.07 -13.77 5.36
N ALA B 64 14.56 -14.49 4.34
CA ALA B 64 15.19 -15.72 3.82
C ALA B 64 16.57 -15.44 3.21
N CYS B 65 16.70 -14.31 2.48
CA CYS B 65 17.97 -13.89 1.90
C CYS B 65 18.99 -13.62 3.02
N GLY B 66 18.57 -12.90 4.07
CA GLY B 66 19.39 -12.62 5.24
C GLY B 66 19.91 -13.88 5.93
N LYS B 67 19.04 -14.91 6.04
CA LYS B 67 19.41 -16.21 6.63
C LYS B 67 20.42 -16.96 5.73
N ALA B 68 20.25 -16.88 4.40
CA ALA B 68 21.18 -17.51 3.46
C ALA B 68 22.52 -16.78 3.45
N ARG B 69 22.50 -15.43 3.60
CA ARG B 69 23.70 -14.60 3.66
C ARG B 69 24.56 -14.93 4.90
N GLU B 70 23.94 -15.23 6.06
CA GLU B 70 24.68 -15.61 7.26
C GLU B 70 25.16 -17.08 7.18
N ARG B 71 24.39 -17.94 6.51
CA ARG B 71 24.78 -19.35 6.31
C ARG B 71 25.99 -19.45 5.35
N GLN B 72 26.14 -18.48 4.41
CA GLN B 72 27.27 -18.43 3.49
C GLN B 72 28.53 -17.90 4.17
N GLN B 73 28.42 -16.86 5.05
CA GLN B 73 29.61 -16.33 5.73
C GLN B 73 30.21 -17.35 6.69
N GLN B 74 29.37 -18.23 7.30
CA GLN B 74 29.87 -19.29 8.18
C GLN B 74 30.56 -20.38 7.36
N GLU B 75 30.04 -20.70 6.15
CA GLU B 75 30.69 -21.67 5.25
C GLU B 75 32.02 -21.08 4.70
N GLN B 76 32.12 -19.73 4.61
CA GLN B 76 33.35 -19.02 4.22
C GLN B 76 34.39 -19.16 5.35
N GLN B 77 33.97 -19.04 6.63
CA GLN B 77 34.88 -19.19 7.78
C GLN B 77 35.48 -20.58 7.77
N VAL B 78 34.66 -21.62 7.50
CA VAL B 78 35.09 -23.02 7.47
C VAL B 78 36.11 -23.26 6.35
N THR B 79 35.76 -22.91 5.11
CA THR B 79 36.62 -23.10 3.93
C THR B 79 37.92 -22.29 4.03
N GLU B 80 37.88 -21.06 4.61
CA GLU B 80 39.07 -20.20 4.74
C GLU B 80 40.07 -20.78 5.77
N GLU B 81 39.56 -21.41 6.86
CA GLU B 81 40.44 -22.05 7.86
C GLU B 81 40.98 -23.36 7.28
N ASN B 82 40.17 -24.11 6.50
CA ASN B 82 40.65 -25.35 5.89
C ASN B 82 41.79 -25.01 4.89
N LEU B 83 41.69 -23.87 4.17
CA LEU B 83 42.74 -23.41 3.26
C LEU B 83 44.00 -23.09 4.06
N ARG B 84 43.84 -22.40 5.19
CA ARG B 84 44.96 -22.06 6.06
C ARG B 84 45.64 -23.33 6.62
N LYS B 85 44.85 -24.29 7.12
CA LYS B 85 45.34 -25.58 7.64
C LYS B 85 46.17 -26.33 6.58
N VAL B 86 45.62 -26.49 5.36
CA VAL B 86 46.29 -27.18 4.25
C VAL B 86 47.59 -26.45 3.87
N GLN B 87 47.57 -25.11 3.75
CA GLN B 87 48.78 -24.34 3.41
C GLN B 87 49.80 -24.32 4.54
N SER B 88 49.34 -24.25 5.79
CA SER B 88 50.21 -24.24 6.96
C SER B 88 50.99 -25.58 7.10
N LEU B 89 50.32 -26.72 6.84
CA LEU B 89 50.89 -28.07 6.92
C LEU B 89 51.34 -28.64 5.56
N CYS B 90 51.53 -27.79 4.51
CA CYS B 90 51.91 -28.26 3.17
C CYS B 90 53.32 -28.85 3.11
#